data_8OIJ
#
_entry.id   8OIJ
#
_cell.length_a   76.590
_cell.length_b   76.590
_cell.length_c   268.470
_cell.angle_alpha   90.000
_cell.angle_beta   90.000
_cell.angle_gamma   120.000
#
_symmetry.space_group_name_H-M   'P 61 2 2'
#
loop_
_entity.id
_entity.type
_entity.pdbx_description
1 polymer 'Protein Smaug'
2 polymer 'Protein smoothened'
3 non-polymer 1,2-ETHANEDIOL
4 non-polymer DI(HYDROXYETHYL)ETHER
5 water water
#
loop_
_entity_poly.entity_id
_entity_poly.type
_entity_poly.pdbx_seq_one_letter_code
_entity_poly.pdbx_strand_id
1 'polypeptide(L)'
;GGSGGSGGSGGSLFCEQVTTVTNLFEKWNDCERTVVMYALLKRLRYPSLKFLQYSIDSNLTQNLGTSQTNLSSVVIDINA
NNPVYLQNLLNAYKTARKEDILHEVLNMLPLLKPGNEEAKLIYLTLIPVAVKDTMQQIVPTELVQQIFSYLLIHPAITSE
DRRSLNIWLRHLEDHIQ
;
A,B
2 'polypeptide(L)' SVPSYGEDELQQAMRLLNAASRQRTEAANEDFGGT C,D
#
loop_
_chem_comp.id
_chem_comp.type
_chem_comp.name
_chem_comp.formula
EDO non-polymer 1,2-ETHANEDIOL 'C2 H6 O2'
PEG non-polymer DI(HYDROXYETHYL)ETHER 'C4 H10 O3'
#
# COMPACT_ATOMS: atom_id res chain seq x y z
N LEU A 13 2.87 -1.78 -24.05
CA LEU A 13 2.47 -0.44 -23.54
C LEU A 13 2.00 -0.55 -22.08
N PHE A 14 1.91 0.58 -21.39
CA PHE A 14 1.56 0.59 -19.94
C PHE A 14 0.18 0.01 -19.70
N CYS A 15 -0.84 0.55 -20.36
CA CYS A 15 -2.22 0.09 -20.05
C CYS A 15 -2.26 -1.42 -20.35
N GLU A 16 -1.26 -1.98 -21.03
CA GLU A 16 -1.37 -3.44 -21.31
C GLU A 16 -0.62 -4.23 -20.23
N GLN A 17 0.50 -3.69 -19.73
CA GLN A 17 1.20 -4.36 -18.61
C GLN A 17 0.45 -4.13 -17.29
N VAL A 18 -0.29 -3.03 -17.19
CA VAL A 18 -1.12 -2.79 -15.98
C VAL A 18 -2.28 -3.79 -15.99
N THR A 19 -2.91 -3.96 -17.15
CA THR A 19 -4.06 -4.87 -17.28
C THR A 19 -3.62 -6.30 -16.96
N THR A 20 -2.42 -6.67 -17.36
CA THR A 20 -1.93 -8.03 -17.02
C THR A 20 -1.85 -8.17 -15.51
N VAL A 21 -1.31 -7.17 -14.81
CA VAL A 21 -1.09 -7.28 -13.34
C VAL A 21 -2.46 -7.30 -12.63
N THR A 22 -3.39 -6.47 -13.10
CA THR A 22 -4.74 -6.41 -12.49
C THR A 22 -5.43 -7.75 -12.67
N ASN A 23 -5.16 -8.44 -13.78
CA ASN A 23 -5.87 -9.70 -14.08
C ASN A 23 -5.37 -10.78 -13.12
N LEU A 24 -4.06 -10.85 -12.94
CA LEU A 24 -3.48 -11.88 -12.06
C LEU A 24 -3.89 -11.58 -10.62
N PHE A 25 -4.07 -10.30 -10.30
CA PHE A 25 -4.44 -9.88 -8.92
C PHE A 25 -5.84 -10.39 -8.59
N GLU A 26 -6.78 -10.22 -9.54
CA GLU A 26 -8.18 -10.65 -9.32
C GLU A 26 -8.22 -12.17 -9.37
N LYS A 27 -7.11 -12.83 -9.71
CA LYS A 27 -7.05 -14.31 -9.69
C LYS A 27 -6.42 -14.76 -8.37
N TRP A 28 -6.26 -13.82 -7.43
CA TRP A 28 -5.64 -14.13 -6.12
C TRP A 28 -6.64 -14.02 -4.98
N ASN A 29 -6.43 -14.77 -3.90
CA ASN A 29 -7.29 -14.64 -2.70
C ASN A 29 -6.87 -13.41 -1.90
N ASP A 30 -7.53 -13.13 -0.79
CA ASP A 30 -7.23 -11.91 -0.02
C ASP A 30 -5.85 -12.02 0.63
N CYS A 31 -5.51 -13.18 1.18
CA CYS A 31 -4.15 -13.38 1.76
C CYS A 31 -3.12 -13.19 0.66
N GLU A 32 -3.33 -13.83 -0.48
CA GLU A 32 -2.33 -13.76 -1.57
C GLU A 32 -2.15 -12.31 -2.00
N ARG A 33 -3.26 -11.61 -2.23
CA ARG A 33 -3.18 -10.18 -2.67
C ARG A 33 -2.42 -9.37 -1.61
N THR A 34 -2.75 -9.54 -0.33
CA THR A 34 -2.12 -8.70 0.74
C THR A 34 -0.61 -8.98 0.85
N VAL A 35 -0.21 -10.24 0.72
CA VAL A 35 1.23 -10.60 0.82
C VAL A 35 2.00 -9.98 -0.37
N VAL A 36 1.46 -10.09 -1.58
CA VAL A 36 2.12 -9.49 -2.76
C VAL A 36 2.18 -7.97 -2.61
N MET A 37 1.10 -7.37 -2.13
CA MET A 37 1.05 -5.90 -1.94
C MET A 37 2.19 -5.50 -0.97
N TYR A 38 2.47 -6.34 0.01
CA TYR A 38 3.57 -6.09 0.98
C TYR A 38 4.91 -6.18 0.26
N ALA A 39 5.03 -7.15 -0.64
CA ALA A 39 6.28 -7.30 -1.43
C ALA A 39 6.48 -6.07 -2.32
N LEU A 40 5.43 -5.64 -2.99
CA LEU A 40 5.53 -4.50 -3.92
C LEU A 40 5.85 -3.21 -3.15
N LEU A 41 5.34 -3.05 -1.94
CA LEU A 41 5.65 -1.87 -1.09
C LEU A 41 7.15 -1.79 -0.82
N LYS A 42 7.85 -2.93 -0.94
CA LYS A 42 9.32 -2.96 -0.67
C LYS A 42 10.06 -2.46 -1.91
N ARG A 43 9.37 -2.37 -3.05
CA ARG A 43 10.00 -1.90 -4.29
C ARG A 43 9.59 -0.44 -4.51
N LEU A 44 9.35 0.28 -3.43
CA LEU A 44 8.87 1.68 -3.52
C LEU A 44 9.76 2.60 -2.69
N ARG A 45 9.79 3.87 -3.04
CA ARG A 45 10.57 4.88 -2.28
C ARG A 45 9.65 5.67 -1.34
N TYR A 46 10.24 6.33 -0.35
CA TYR A 46 9.47 7.07 0.69
C TYR A 46 8.29 7.84 0.12
N PRO A 47 8.46 8.78 -0.86
CA PRO A 47 7.33 9.57 -1.33
C PRO A 47 6.15 8.66 -1.68
N SER A 48 6.41 7.56 -2.38
CA SER A 48 5.31 6.66 -2.81
C SER A 48 4.61 6.07 -1.57
N LEU A 49 5.38 5.60 -0.60
CA LEU A 49 4.80 5.01 0.63
C LEU A 49 3.89 6.05 1.31
N LYS A 50 4.38 7.28 1.44
CA LYS A 50 3.59 8.36 2.08
C LYS A 50 2.30 8.59 1.27
N PHE A 51 2.41 8.68 -0.05
CA PHE A 51 1.22 8.88 -0.92
C PHE A 51 0.20 7.76 -0.69
N LEU A 52 0.69 6.53 -0.58
CA LEU A 52 -0.19 5.37 -0.37
C LEU A 52 -0.78 5.41 1.06
N GLN A 53 0.00 5.84 2.04
CA GLN A 53 -0.53 5.96 3.41
C GLN A 53 -1.77 6.87 3.39
N TYR A 54 -1.69 7.99 2.70
CA TYR A 54 -2.83 8.96 2.63
C TYR A 54 -3.97 8.34 1.83
N SER A 55 -3.63 7.58 0.80
CA SER A 55 -4.64 6.94 -0.07
C SER A 55 -5.39 5.86 0.71
N ILE A 56 -4.68 5.05 1.51
CA ILE A 56 -5.33 3.99 2.33
C ILE A 56 -6.28 4.66 3.33
N ASP A 57 -5.87 5.81 3.84
CA ASP A 57 -6.71 6.53 4.82
C ASP A 57 -8.03 6.92 4.15
N SER A 58 -7.96 7.46 2.94
CA SER A 58 -9.18 7.84 2.19
C SER A 58 -10.07 6.62 1.95
N ASN A 59 -9.45 5.52 1.53
CA ASN A 59 -10.19 4.27 1.24
C ASN A 59 -10.84 3.74 2.52
N LEU A 60 -10.13 3.83 3.65
CA LEU A 60 -10.63 3.36 4.96
C LEU A 60 -11.81 4.23 5.39
N THR A 61 -11.67 5.55 5.24
CA THR A 61 -12.79 6.47 5.57
C THR A 61 -14.02 6.11 4.73
N GLN A 62 -13.83 5.89 3.43
CA GLN A 62 -14.96 5.57 2.52
C GLN A 62 -15.60 4.26 2.95
N ASN A 63 -14.78 3.24 3.22
CA ASN A 63 -15.27 1.91 3.63
C ASN A 63 -16.11 2.01 4.90
N LEU A 64 -15.76 2.93 5.79
CA LEU A 64 -16.45 3.07 7.09
C LEU A 64 -17.67 4.00 6.98
N GLY A 65 -17.88 4.62 5.81
CA GLY A 65 -19.00 5.55 5.62
C GLY A 65 -20.13 4.93 4.82
N THR A 66 -20.03 3.63 4.54
CA THR A 66 -21.08 2.89 3.79
C THR A 66 -21.50 1.62 4.53
N SER A 67 -22.78 1.27 4.44
CA SER A 67 -23.35 0.10 5.15
C SER A 67 -22.83 -1.19 4.54
N GLN A 68 -22.37 -1.14 3.30
CA GLN A 68 -21.87 -2.36 2.63
C GLN A 68 -20.63 -2.88 3.37
N THR A 69 -20.09 -2.10 4.32
CA THR A 69 -18.82 -2.52 4.95
C THR A 69 -18.61 -1.94 6.36
N ASN A 70 -19.17 -0.78 6.67
CA ASN A 70 -18.89 -0.08 7.96
C ASN A 70 -18.96 -0.99 9.20
N LEU A 71 -20.12 -1.57 9.49
CA LEU A 71 -20.24 -2.40 10.72
C LEU A 71 -19.26 -3.57 10.60
N SER A 72 -19.18 -4.18 9.42
CA SER A 72 -18.34 -5.39 9.26
C SER A 72 -16.89 -5.03 9.57
N SER A 73 -16.48 -3.81 9.25
CA SER A 73 -15.07 -3.40 9.43
C SER A 73 -14.77 -3.04 10.89
N VAL A 74 -15.66 -2.29 11.52
CA VAL A 74 -15.47 -1.87 12.94
C VAL A 74 -15.38 -3.11 13.82
N VAL A 75 -16.35 -4.02 13.70
CA VAL A 75 -16.40 -5.25 14.55
C VAL A 75 -15.15 -6.10 14.32
N ILE A 76 -14.77 -6.36 13.06
CA ILE A 76 -13.60 -7.26 12.85
C ILE A 76 -12.36 -6.58 13.45
N ASP A 77 -12.25 -5.27 13.28
CA ASP A 77 -11.07 -4.55 13.81
C ASP A 77 -11.00 -4.71 15.33
N ILE A 78 -12.11 -4.50 16.01
CA ILE A 78 -12.15 -4.60 17.49
C ILE A 78 -11.93 -6.07 17.90
N ASN A 79 -12.72 -6.98 17.35
CA ASN A 79 -12.58 -8.41 17.69
C ASN A 79 -11.12 -8.86 17.58
N ALA A 80 -10.46 -8.55 16.46
CA ALA A 80 -9.05 -8.96 16.20
C ALA A 80 -8.09 -8.46 17.28
N ASN A 81 -8.45 -7.40 17.99
CA ASN A 81 -7.54 -6.78 18.98
C ASN A 81 -8.09 -6.97 20.40
N ASN A 82 -9.18 -7.74 20.54
CA ASN A 82 -9.85 -7.93 21.85
C ASN A 82 -9.39 -9.24 22.49
N PRO A 83 -8.54 -9.17 23.53
CA PRO A 83 -8.01 -10.36 24.17
C PRO A 83 -9.12 -11.27 24.72
N VAL A 84 -10.19 -10.68 25.23
CA VAL A 84 -11.33 -11.48 25.75
C VAL A 84 -11.97 -12.29 24.61
N TYR A 85 -12.28 -11.64 23.48
CA TYR A 85 -12.89 -12.35 22.33
C TYR A 85 -11.97 -13.46 21.83
N LEU A 86 -10.69 -13.14 21.69
CA LEU A 86 -9.71 -14.11 21.15
C LEU A 86 -9.56 -15.31 22.09
N GLN A 87 -9.45 -15.04 23.40
CA GLN A 87 -9.34 -16.13 24.40
C GLN A 87 -10.54 -17.06 24.28
N ASN A 88 -11.73 -16.51 24.10
CA ASN A 88 -12.97 -17.32 23.96
C ASN A 88 -12.94 -18.17 22.68
N LEU A 89 -12.40 -17.63 21.59
CA LEU A 89 -12.30 -18.38 20.31
C LEU A 89 -11.28 -19.51 20.48
N LEU A 90 -10.20 -19.23 21.21
CA LEU A 90 -9.20 -20.27 21.49
C LEU A 90 -9.90 -21.37 22.30
N ASN A 91 -10.53 -20.97 23.40
CA ASN A 91 -11.27 -21.93 24.23
C ASN A 91 -12.21 -22.76 23.35
N ALA A 92 -12.83 -22.15 22.34
CA ALA A 92 -13.81 -22.84 21.49
C ALA A 92 -13.14 -23.73 20.45
N TYR A 93 -11.90 -23.40 20.09
CA TYR A 93 -11.17 -24.16 19.06
C TYR A 93 -10.83 -25.53 19.60
N LYS A 94 -10.08 -25.55 20.71
CA LYS A 94 -9.62 -26.84 21.29
C LYS A 94 -10.74 -27.87 21.12
N THR A 95 -11.99 -27.46 21.35
CA THR A 95 -13.10 -28.47 21.27
C THR A 95 -13.57 -28.79 19.85
N ALA A 96 -13.97 -27.78 19.07
CA ALA A 96 -14.63 -28.07 17.77
C ALA A 96 -14.70 -26.80 16.92
N ARG A 97 -15.30 -26.92 15.75
CA ARG A 97 -15.41 -25.76 14.86
C ARG A 97 -14.00 -25.22 14.60
N LYS A 98 -12.97 -26.07 14.71
CA LYS A 98 -11.58 -25.63 14.45
C LYS A 98 -11.48 -24.96 13.08
N GLU A 99 -11.97 -25.60 12.04
CA GLU A 99 -11.82 -25.02 10.69
C GLU A 99 -12.42 -23.62 10.68
N ASP A 100 -13.71 -23.50 11.04
CA ASP A 100 -14.41 -22.19 11.02
C ASP A 100 -13.63 -21.17 11.85
N ILE A 101 -13.12 -21.59 13.00
CA ILE A 101 -12.43 -20.65 13.92
C ILE A 101 -11.13 -20.18 13.25
N LEU A 102 -10.49 -21.06 12.49
CA LEU A 102 -9.20 -20.71 11.85
C LEU A 102 -9.49 -19.73 10.72
N HIS A 103 -10.59 -19.94 9.99
CA HIS A 103 -10.95 -18.95 8.96
C HIS A 103 -11.09 -17.58 9.62
N GLU A 104 -11.74 -17.55 10.79
CA GLU A 104 -11.97 -16.27 11.49
C GLU A 104 -10.62 -15.68 11.92
N VAL A 105 -9.72 -16.54 12.38
CA VAL A 105 -8.37 -16.08 12.82
C VAL A 105 -7.62 -15.55 11.59
N LEU A 106 -7.84 -16.16 10.44
CA LEU A 106 -7.11 -15.75 9.22
C LEU A 106 -7.62 -14.38 8.75
N ASN A 107 -8.89 -14.10 9.00
CA ASN A 107 -9.52 -12.82 8.56
C ASN A 107 -9.20 -11.71 9.56
N MET A 108 -8.94 -12.07 10.81
CA MET A 108 -8.68 -11.07 11.86
C MET A 108 -7.18 -10.77 11.98
N LEU A 109 -6.31 -11.74 11.71
CA LEU A 109 -4.85 -11.55 11.93
C LEU A 109 -4.31 -10.29 11.22
N PRO A 110 -4.68 -9.99 9.95
CA PRO A 110 -4.19 -8.78 9.30
C PRO A 110 -4.47 -7.48 10.08
N LEU A 111 -5.47 -7.52 10.96
CA LEU A 111 -5.87 -6.30 11.70
C LEU A 111 -5.15 -6.17 13.06
N LEU A 112 -4.40 -7.19 13.46
CA LEU A 112 -3.68 -7.15 14.75
C LEU A 112 -2.75 -5.93 14.74
N LYS A 113 -2.93 -5.05 15.71
CA LYS A 113 -2.17 -3.79 15.72
C LYS A 113 -0.81 -3.96 16.40
N PRO A 114 0.28 -3.53 15.74
CA PRO A 114 1.57 -3.54 16.43
C PRO A 114 1.54 -2.93 17.84
N GLY A 115 2.06 -3.62 18.86
CA GLY A 115 2.05 -3.12 20.24
C GLY A 115 0.96 -3.73 21.11
N ASN A 116 -0.06 -4.35 20.50
CA ASN A 116 -1.13 -5.03 21.27
C ASN A 116 -0.60 -6.39 21.72
N GLU A 117 0.23 -6.41 22.76
CA GLU A 117 0.84 -7.68 23.23
C GLU A 117 -0.27 -8.62 23.73
N GLU A 118 -1.22 -8.09 24.50
CA GLU A 118 -2.27 -8.96 25.10
C GLU A 118 -2.91 -9.84 24.02
N ALA A 119 -3.25 -9.27 22.88
CA ALA A 119 -3.89 -10.03 21.80
C ALA A 119 -2.88 -10.91 21.04
N LYS A 120 -1.67 -10.41 20.87
CA LYS A 120 -0.66 -11.15 20.09
C LYS A 120 -0.40 -12.49 20.75
N LEU A 121 -0.25 -12.48 22.06
CA LEU A 121 0.02 -13.72 22.83
C LEU A 121 -1.04 -14.77 22.52
N ILE A 122 -2.33 -14.40 22.58
CA ILE A 122 -3.40 -15.40 22.34
C ILE A 122 -3.21 -15.96 20.93
N TYR A 123 -2.99 -15.07 19.98
CA TYR A 123 -2.74 -15.52 18.59
C TYR A 123 -1.62 -16.56 18.58
N LEU A 124 -0.47 -16.23 19.16
CA LEU A 124 0.73 -17.13 19.11
C LEU A 124 0.50 -18.39 19.95
N THR A 125 -0.58 -18.43 20.71
CA THR A 125 -0.89 -19.62 21.56
C THR A 125 -1.76 -20.59 20.75
N LEU A 126 -2.45 -20.10 19.72
CA LEU A 126 -3.35 -20.98 18.92
C LEU A 126 -2.55 -21.61 17.76
N ILE A 127 -1.66 -20.85 17.13
CA ILE A 127 -0.92 -21.37 15.94
C ILE A 127 -0.30 -22.73 16.28
N PRO A 128 0.46 -22.92 17.38
CA PRO A 128 1.00 -24.23 17.70
C PRO A 128 -0.09 -25.31 17.66
N VAL A 129 -1.22 -25.09 18.33
CA VAL A 129 -2.33 -26.07 18.36
C VAL A 129 -2.83 -26.32 16.95
N ALA A 130 -2.88 -25.28 16.13
CA ALA A 130 -3.34 -25.41 14.72
C ALA A 130 -2.32 -26.22 13.92
N VAL A 131 -1.05 -26.03 14.22
CA VAL A 131 0.03 -26.76 13.49
C VAL A 131 -0.07 -28.24 13.85
N LYS A 132 -0.19 -28.54 15.14
CA LYS A 132 -0.30 -29.95 15.59
C LYS A 132 -1.51 -30.61 14.93
N ASP A 133 -2.62 -29.88 14.75
CA ASP A 133 -3.87 -30.48 14.21
C ASP A 133 -3.76 -30.71 12.70
N THR A 134 -2.93 -29.94 12.01
CA THR A 134 -2.72 -30.16 10.56
C THR A 134 -1.89 -31.44 10.36
N MET A 135 -1.03 -31.75 11.33
CA MET A 135 -0.16 -32.95 11.23
C MET A 135 -0.96 -34.19 11.58
N GLN A 136 -2.16 -34.03 12.12
CA GLN A 136 -3.06 -35.20 12.37
C GLN A 136 -4.15 -35.05 11.31
N GLN A 137 -4.11 -33.99 10.50
CA GLN A 137 -5.13 -33.72 9.47
C GLN A 137 -6.50 -33.48 10.11
N ILE A 138 -6.54 -32.83 11.27
CA ILE A 138 -7.84 -32.45 11.87
C ILE A 138 -8.32 -31.23 11.09
N VAL A 139 -7.39 -30.37 10.68
CA VAL A 139 -7.77 -29.10 9.99
C VAL A 139 -7.01 -28.97 8.66
N PRO A 140 -7.54 -28.24 7.68
CA PRO A 140 -6.87 -28.04 6.40
C PRO A 140 -5.45 -27.47 6.48
N THR A 141 -4.58 -27.87 5.55
CA THR A 141 -3.17 -27.45 5.57
C THR A 141 -3.01 -26.03 5.03
N GLU A 142 -3.79 -25.67 4.02
CA GLU A 142 -3.69 -24.34 3.38
C GLU A 142 -4.03 -23.20 4.33
N LEU A 143 -5.04 -23.40 5.17
CA LEU A 143 -5.47 -22.35 6.13
C LEU A 143 -4.31 -22.01 7.06
N VAL A 144 -3.63 -23.01 7.61
CA VAL A 144 -2.57 -22.72 8.62
C VAL A 144 -1.37 -22.11 7.91
N GLN A 145 -1.17 -22.46 6.66
CA GLN A 145 -0.05 -21.90 5.87
C GLN A 145 -0.39 -20.45 5.58
N GLN A 146 -1.64 -20.18 5.24
CA GLN A 146 -2.09 -18.78 5.02
C GLN A 146 -1.83 -17.96 6.29
N ILE A 147 -2.23 -18.48 7.45
CA ILE A 147 -2.04 -17.75 8.74
C ILE A 147 -0.54 -17.55 8.97
N PHE A 148 0.25 -18.58 8.69
CA PHE A 148 1.71 -18.49 8.92
C PHE A 148 2.30 -17.46 7.97
N SER A 149 1.82 -17.43 6.74
CA SER A 149 2.28 -16.41 5.77
C SER A 149 2.21 -15.02 6.41
N TYR A 150 1.05 -14.67 6.97
CA TYR A 150 0.87 -13.35 7.62
C TYR A 150 1.86 -13.20 8.76
N LEU A 151 1.95 -14.21 9.62
CA LEU A 151 2.83 -14.09 10.81
C LEU A 151 4.28 -13.79 10.42
N LEU A 152 4.74 -14.32 9.29
CA LEU A 152 6.16 -14.13 8.88
C LEU A 152 6.42 -12.67 8.50
N ILE A 153 5.42 -11.97 7.95
CA ILE A 153 5.63 -10.59 7.43
C ILE A 153 4.84 -9.58 8.28
N HIS A 154 4.23 -10.03 9.36
CA HIS A 154 3.32 -9.14 10.15
C HIS A 154 4.10 -8.07 10.92
N PRO A 155 3.72 -6.80 10.78
CA PRO A 155 4.39 -5.72 11.48
C PRO A 155 4.21 -5.78 13.01
N ALA A 156 3.35 -6.67 13.49
CA ALA A 156 3.08 -6.79 14.93
C ALA A 156 3.96 -7.89 15.51
N ILE A 157 4.43 -8.79 14.65
CA ILE A 157 5.22 -9.96 15.14
C ILE A 157 6.71 -9.60 15.18
N THR A 158 7.35 -9.86 16.31
CA THR A 158 8.79 -9.57 16.50
C THR A 158 9.66 -10.71 15.97
N SER A 159 10.95 -10.44 15.78
CA SER A 159 11.91 -11.49 15.36
C SER A 159 11.94 -12.57 16.44
N GLU A 160 11.78 -12.17 17.69
CA GLU A 160 11.78 -13.11 18.83
C GLU A 160 10.58 -14.05 18.72
N ASP A 161 9.42 -13.51 18.33
CA ASP A 161 8.22 -14.35 18.14
C ASP A 161 8.47 -15.30 16.97
N ARG A 162 9.11 -14.82 15.92
CA ARG A 162 9.31 -15.67 14.72
C ARG A 162 10.24 -16.84 15.05
N ARG A 163 11.24 -16.61 15.92
CA ARG A 163 12.15 -17.69 16.33
C ARG A 163 11.34 -18.78 17.02
N SER A 164 10.51 -18.37 17.98
CA SER A 164 9.69 -19.34 18.75
C SER A 164 8.73 -20.08 17.82
N LEU A 165 8.55 -19.56 16.60
CA LEU A 165 7.53 -20.16 15.70
C LEU A 165 8.19 -21.04 14.62
N ASN A 166 9.50 -20.86 14.41
CA ASN A 166 10.21 -21.63 13.34
C ASN A 166 10.05 -23.12 13.62
N ILE A 167 10.04 -23.51 14.88
CA ILE A 167 9.86 -24.93 15.28
C ILE A 167 8.55 -25.46 14.69
N TRP A 168 7.67 -24.58 14.21
CA TRP A 168 6.36 -25.02 13.69
C TRP A 168 6.30 -24.81 12.18
N LEU A 169 7.09 -23.88 11.67
CA LEU A 169 7.11 -23.59 10.21
C LEU A 169 7.63 -24.77 9.41
N ARG A 170 8.73 -25.39 9.88
CA ARG A 170 9.33 -26.53 9.16
C ARG A 170 8.25 -27.55 8.83
N HIS A 171 7.38 -27.84 9.81
CA HIS A 171 6.35 -28.88 9.62
C HIS A 171 5.43 -28.46 8.46
N LEU A 172 5.46 -27.19 8.07
CA LEU A 172 4.52 -26.68 7.04
C LEU A 172 5.24 -26.50 5.69
N GLU A 173 6.56 -26.35 5.72
CA GLU A 173 7.34 -26.21 4.46
C GLU A 173 7.48 -27.58 3.79
N LEU B 13 2.38 -22.32 -9.51
CA LEU B 13 1.69 -21.32 -10.36
C LEU B 13 1.74 -19.97 -9.64
N PHE B 14 1.52 -19.96 -8.32
CA PHE B 14 1.42 -18.66 -7.62
C PHE B 14 2.77 -17.96 -7.65
N CYS B 15 3.83 -18.62 -7.18
CA CYS B 15 5.15 -17.96 -7.12
C CYS B 15 5.50 -17.42 -8.51
N GLU B 16 4.98 -18.06 -9.56
CA GLU B 16 5.29 -17.64 -10.94
C GLU B 16 4.48 -16.39 -11.28
N GLN B 17 3.16 -16.43 -11.06
CA GLN B 17 2.32 -15.23 -11.30
C GLN B 17 2.95 -14.03 -10.57
N VAL B 18 3.47 -14.27 -9.38
CA VAL B 18 4.03 -13.15 -8.57
C VAL B 18 5.34 -12.69 -9.22
N THR B 19 6.08 -13.60 -9.84
CA THR B 19 7.39 -13.22 -10.42
C THR B 19 7.11 -12.41 -11.69
N THR B 20 6.06 -12.76 -12.42
CA THR B 20 5.63 -11.96 -13.59
C THR B 20 5.31 -10.55 -13.14
N VAL B 21 4.35 -10.41 -12.23
CA VAL B 21 3.91 -9.07 -11.72
C VAL B 21 5.12 -8.31 -11.22
N THR B 22 5.95 -8.93 -10.40
CA THR B 22 7.10 -8.21 -9.80
C THR B 22 8.01 -7.66 -10.90
N ASN B 23 8.15 -8.38 -11.99
CA ASN B 23 9.08 -7.95 -13.07
C ASN B 23 8.46 -6.74 -13.76
N LEU B 24 7.19 -6.86 -14.18
CA LEU B 24 6.50 -5.74 -14.86
C LEU B 24 6.59 -4.48 -13.98
N PHE B 25 6.55 -4.65 -12.66
CA PHE B 25 6.61 -3.52 -11.72
C PHE B 25 7.98 -2.86 -11.78
N GLU B 26 9.04 -3.66 -11.68
CA GLU B 26 10.40 -3.10 -11.63
C GLU B 26 10.74 -2.47 -12.98
N LYS B 27 9.91 -2.70 -13.99
CA LYS B 27 10.10 -2.10 -15.32
C LYS B 27 9.34 -0.79 -15.35
N TRP B 28 8.75 -0.42 -14.22
CA TRP B 28 7.93 0.81 -14.15
C TRP B 28 8.67 1.89 -13.38
N ASN B 29 8.44 3.16 -13.73
CA ASN B 29 9.01 4.27 -12.93
C ASN B 29 8.18 4.45 -11.67
N ASP B 30 8.61 5.33 -10.78
CA ASP B 30 7.90 5.54 -9.49
C ASP B 30 6.45 5.98 -9.72
N CYS B 31 6.19 6.89 -10.66
CA CYS B 31 4.82 7.40 -10.86
C CYS B 31 3.90 6.27 -11.31
N GLU B 32 4.40 5.40 -12.17
CA GLU B 32 3.58 4.29 -12.68
C GLU B 32 3.37 3.29 -11.55
N ARG B 33 4.42 3.05 -10.77
CA ARG B 33 4.31 2.15 -9.61
C ARG B 33 3.27 2.71 -8.63
N THR B 34 3.31 4.00 -8.34
CA THR B 34 2.41 4.61 -7.32
C THR B 34 0.96 4.60 -7.82
N VAL B 35 0.76 4.91 -9.10
CA VAL B 35 -0.62 5.00 -9.64
C VAL B 35 -1.23 3.58 -9.67
N VAL B 36 -0.43 2.60 -10.07
CA VAL B 36 -0.94 1.21 -10.15
C VAL B 36 -1.23 0.71 -8.73
N MET B 37 -0.31 0.96 -7.79
CA MET B 37 -0.51 0.53 -6.39
C MET B 37 -1.79 1.19 -5.85
N TYR B 38 -2.08 2.43 -6.25
CA TYR B 38 -3.30 3.14 -5.81
C TYR B 38 -4.53 2.39 -6.32
N ALA B 39 -4.49 1.96 -7.58
CA ALA B 39 -5.64 1.26 -8.20
C ALA B 39 -5.85 -0.12 -7.57
N LEU B 40 -4.77 -0.80 -7.21
CA LEU B 40 -4.86 -2.15 -6.62
C LEU B 40 -5.43 -2.06 -5.20
N LEU B 41 -5.14 -0.97 -4.48
CA LEU B 41 -5.68 -0.76 -3.13
C LEU B 41 -7.20 -0.69 -3.18
N LYS B 42 -7.75 -0.20 -4.29
CA LYS B 42 -9.22 -0.12 -4.46
C LYS B 42 -9.82 -1.53 -4.70
N ARG B 43 -8.98 -2.54 -4.84
CA ARG B 43 -9.44 -3.94 -5.01
C ARG B 43 -9.15 -4.75 -3.75
N LEU B 44 -8.91 -4.06 -2.62
CA LEU B 44 -8.60 -4.72 -1.34
C LEU B 44 -9.77 -4.54 -0.37
N ARG B 45 -9.88 -5.41 0.63
CA ARG B 45 -10.93 -5.26 1.66
C ARG B 45 -10.33 -4.55 2.88
N TYR B 46 -11.16 -4.20 3.86
CA TYR B 46 -10.70 -3.40 5.03
C TYR B 46 -9.52 -4.05 5.74
N PRO B 47 -9.57 -5.34 6.09
CA PRO B 47 -8.49 -5.94 6.89
C PRO B 47 -7.15 -5.79 6.16
N SER B 48 -7.18 -5.87 4.83
CA SER B 48 -5.94 -5.77 4.02
C SER B 48 -5.38 -4.35 4.06
N LEU B 49 -6.25 -3.35 3.94
CA LEU B 49 -5.83 -1.93 3.99
C LEU B 49 -5.17 -1.63 5.33
N LYS B 50 -5.75 -2.13 6.41
CA LYS B 50 -5.17 -1.92 7.75
C LYS B 50 -3.77 -2.56 7.83
N PHE B 51 -3.64 -3.82 7.39
CA PHE B 51 -2.32 -4.50 7.38
C PHE B 51 -1.28 -3.67 6.62
N LEU B 52 -1.65 -3.19 5.43
CA LEU B 52 -0.74 -2.36 4.61
C LEU B 52 -0.46 -1.01 5.30
N GLN B 53 -1.44 -0.44 5.97
CA GLN B 53 -1.21 0.81 6.75
C GLN B 53 -0.12 0.56 7.82
N TYR B 54 -0.26 -0.52 8.57
CA TYR B 54 0.72 -0.86 9.64
C TYR B 54 2.05 -1.27 9.00
N SER B 55 1.97 -1.91 7.84
CA SER B 55 3.18 -2.39 7.13
C SER B 55 4.01 -1.18 6.67
N ILE B 56 3.35 -0.19 6.05
CA ILE B 56 4.05 1.04 5.60
C ILE B 56 4.65 1.74 6.82
N ASP B 57 3.93 1.73 7.94
CA ASP B 57 4.42 2.39 9.16
C ASP B 57 5.69 1.69 9.65
N SER B 58 5.94 0.46 9.21
CA SER B 58 7.22 -0.22 9.54
C SER B 58 8.26 0.16 8.48
N ASN B 59 7.90 0.07 7.20
CA ASN B 59 8.83 0.39 6.08
C ASN B 59 9.24 1.86 6.17
N LEU B 60 8.33 2.73 6.60
CA LEU B 60 8.62 4.18 6.74
C LEU B 60 9.56 4.34 7.93
N THR B 61 9.22 3.76 9.08
CA THR B 61 10.18 3.81 10.21
C THR B 61 11.52 3.22 9.75
N GLN B 62 11.48 2.14 8.97
CA GLN B 62 12.73 1.52 8.45
C GLN B 62 13.59 2.55 7.70
N ASN B 63 12.99 3.29 6.77
CA ASN B 63 13.74 4.31 5.96
C ASN B 63 14.31 5.37 6.90
N LEU B 64 13.50 5.82 7.85
CA LEU B 64 13.93 6.91 8.76
C LEU B 64 14.79 6.34 9.90
N GLY B 65 15.28 5.12 9.77
CA GLY B 65 16.16 4.57 10.81
C GLY B 65 17.52 4.18 10.26
N THR B 66 17.73 4.39 8.96
CA THR B 66 18.99 4.00 8.28
C THR B 66 19.56 5.19 7.50
N SER B 67 20.81 5.56 7.75
CA SER B 67 21.44 6.71 7.05
C SER B 67 21.17 6.64 5.55
N GLN B 68 21.28 5.47 4.97
CA GLN B 68 21.10 5.29 3.51
C GLN B 68 19.96 6.24 3.13
N THR B 69 18.77 6.15 3.74
CA THR B 69 17.63 6.96 3.21
C THR B 69 16.94 7.88 4.24
N ASN B 70 17.40 7.94 5.49
CA ASN B 70 16.69 8.74 6.52
C ASN B 70 16.63 10.23 6.17
N LEU B 71 17.77 10.89 6.00
CA LEU B 71 17.79 12.36 5.82
C LEU B 71 17.02 12.76 4.57
N SER B 72 17.34 12.14 3.45
CA SER B 72 16.66 12.48 2.19
C SER B 72 15.15 12.36 2.39
N SER B 73 14.71 11.34 3.10
CA SER B 73 13.26 11.12 3.28
C SER B 73 12.68 12.26 4.14
N VAL B 74 13.33 12.58 5.25
CA VAL B 74 12.82 13.65 6.16
C VAL B 74 12.79 14.97 5.41
N VAL B 75 13.80 15.25 4.61
CA VAL B 75 13.91 16.59 3.95
C VAL B 75 12.85 16.75 2.86
N ILE B 76 12.71 15.78 1.96
CA ILE B 76 11.76 15.94 0.83
C ILE B 76 10.34 16.11 1.41
N ASP B 77 10.07 15.48 2.54
CA ASP B 77 8.74 15.58 3.20
C ASP B 77 8.49 17.03 3.67
N ILE B 78 9.42 17.60 4.43
CA ILE B 78 9.28 18.99 4.93
C ILE B 78 9.21 19.95 3.74
N ASN B 79 10.12 19.77 2.77
CA ASN B 79 10.20 20.67 1.60
C ASN B 79 8.85 20.65 0.85
N ALA B 80 8.30 19.46 0.62
CA ALA B 80 7.03 19.29 -0.14
C ALA B 80 5.83 19.89 0.57
N ASN B 81 5.98 20.25 1.85
CA ASN B 81 4.85 20.76 2.67
C ASN B 81 5.21 22.13 3.26
N ASN B 82 6.36 22.69 2.89
CA ASN B 82 6.80 24.00 3.42
C ASN B 82 6.53 25.09 2.38
N PRO B 83 5.48 25.92 2.57
CA PRO B 83 5.16 27.00 1.65
C PRO B 83 6.35 27.92 1.34
N VAL B 84 7.25 28.12 2.31
CA VAL B 84 8.45 28.98 2.10
C VAL B 84 9.39 28.34 1.07
N TYR B 85 9.64 27.03 1.20
CA TYR B 85 10.47 26.31 0.21
C TYR B 85 9.76 26.31 -1.15
N LEU B 86 8.47 26.05 -1.16
CA LEU B 86 7.70 25.92 -2.42
C LEU B 86 7.57 27.27 -3.14
N GLN B 87 7.28 28.34 -2.41
CA GLN B 87 7.18 29.69 -3.01
C GLN B 87 8.52 30.07 -3.65
N ASN B 88 9.61 29.87 -2.91
CA ASN B 88 10.97 30.20 -3.42
C ASN B 88 11.26 29.41 -4.69
N LEU B 89 10.73 28.21 -4.79
CA LEU B 89 10.96 27.35 -5.98
C LEU B 89 10.14 27.87 -7.16
N LEU B 90 8.90 28.29 -6.92
CA LEU B 90 8.03 28.84 -7.99
C LEU B 90 8.67 30.12 -8.56
N ASN B 91 9.21 30.96 -7.70
CA ASN B 91 9.85 32.23 -8.12
C ASN B 91 11.06 31.93 -9.00
N ALA B 92 11.74 30.79 -8.79
CA ALA B 92 12.92 30.40 -9.57
C ALA B 92 12.54 29.68 -10.87
N TYR B 93 11.38 29.05 -10.91
CA TYR B 93 10.95 28.30 -12.12
C TYR B 93 10.68 29.32 -13.21
N LYS B 94 9.76 30.22 -12.94
CA LYS B 94 9.36 31.26 -13.90
C LYS B 94 10.62 31.57 -14.71
N THR B 95 11.71 31.94 -14.03
CA THR B 95 12.96 32.33 -14.73
C THR B 95 13.67 31.24 -15.54
N ALA B 96 14.03 30.14 -14.90
CA ALA B 96 14.82 29.10 -15.60
C ALA B 96 14.91 27.84 -14.74
N ARG B 97 15.78 26.91 -15.12
CA ARG B 97 15.89 25.64 -14.38
C ARG B 97 14.53 24.95 -14.36
N LYS B 98 13.66 25.27 -15.31
CA LYS B 98 12.27 24.72 -15.32
C LYS B 98 12.27 23.19 -15.24
N GLU B 99 13.02 22.52 -16.09
CA GLU B 99 13.00 21.03 -16.13
C GLU B 99 13.43 20.45 -14.78
N ASP B 100 14.47 21.01 -14.17
CA ASP B 100 14.99 20.47 -12.88
C ASP B 100 13.98 20.78 -11.77
N ILE B 101 13.43 21.99 -11.76
CA ILE B 101 12.43 22.39 -10.74
C ILE B 101 11.17 21.54 -10.91
N LEU B 102 10.75 21.28 -12.14
CA LEU B 102 9.56 20.44 -12.42
C LEU B 102 9.81 19.02 -11.91
N HIS B 103 11.04 18.53 -12.07
CA HIS B 103 11.41 17.18 -11.56
C HIS B 103 11.32 17.20 -10.04
N GLU B 104 11.78 18.27 -9.42
CA GLU B 104 11.73 18.40 -7.93
C GLU B 104 10.25 18.40 -7.50
N VAL B 105 9.40 19.10 -8.24
CA VAL B 105 7.95 19.17 -7.91
C VAL B 105 7.33 17.77 -8.03
N LEU B 106 7.69 17.04 -9.07
CA LEU B 106 7.13 15.69 -9.29
C LEU B 106 7.58 14.78 -8.14
N ASN B 107 8.83 14.93 -7.72
CA ASN B 107 9.38 14.11 -6.63
C ASN B 107 8.70 14.48 -5.31
N MET B 108 8.25 15.73 -5.15
CA MET B 108 7.69 16.21 -3.87
C MET B 108 6.17 16.10 -3.82
N LEU B 109 5.49 16.19 -4.96
CA LEU B 109 4.00 16.22 -4.96
C LEU B 109 3.40 15.05 -4.16
N PRO B 110 3.85 13.79 -4.33
CA PRO B 110 3.20 12.68 -3.62
C PRO B 110 3.18 12.86 -2.08
N LEU B 111 4.08 13.68 -1.56
CA LEU B 111 4.16 13.89 -0.09
C LEU B 111 3.28 15.05 0.39
N LEU B 112 2.56 15.71 -0.51
CA LEU B 112 1.65 16.80 -0.09
C LEU B 112 0.62 16.24 0.91
N LYS B 113 0.63 16.78 2.12
CA LYS B 113 -0.27 16.26 3.19
C LYS B 113 -1.69 16.78 3.00
N PRO B 114 -2.71 15.90 3.03
CA PRO B 114 -4.09 16.37 2.98
C PRO B 114 -4.32 17.37 4.14
N GLY B 115 -4.87 18.56 3.83
CA GLY B 115 -5.10 19.61 4.84
C GLY B 115 -4.10 20.74 4.77
N ASN B 116 -2.97 20.52 4.08
CA ASN B 116 -1.94 21.58 3.93
C ASN B 116 -2.37 22.54 2.79
N GLU B 117 -3.25 23.50 3.11
CA GLU B 117 -3.80 24.40 2.07
C GLU B 117 -2.73 25.35 1.54
N GLU B 118 -1.96 25.95 2.44
CA GLU B 118 -0.88 26.88 2.02
C GLU B 118 0.00 26.19 0.95
N ALA B 119 0.47 24.99 1.22
CA ALA B 119 1.36 24.31 0.27
C ALA B 119 0.62 23.97 -1.02
N LYS B 120 -0.60 23.45 -0.90
CA LYS B 120 -1.40 23.06 -2.09
C LYS B 120 -1.56 24.24 -3.04
N LEU B 121 -1.83 25.42 -2.49
CA LEU B 121 -2.03 26.62 -3.32
C LEU B 121 -0.83 26.84 -4.25
N ILE B 122 0.39 26.75 -3.73
CA ILE B 122 1.60 27.03 -4.56
C ILE B 122 1.73 25.97 -5.66
N TYR B 123 1.46 24.71 -5.35
CA TYR B 123 1.52 23.64 -6.37
C TYR B 123 0.57 23.95 -7.51
N LEU B 124 -0.62 24.47 -7.17
CA LEU B 124 -1.67 24.71 -8.18
C LEU B 124 -1.43 26.03 -8.91
N THR B 125 -0.54 26.88 -8.41
CA THR B 125 -0.17 28.11 -9.14
C THR B 125 0.90 27.77 -10.18
N LEU B 126 1.72 26.76 -9.92
CA LEU B 126 2.83 26.38 -10.83
C LEU B 126 2.32 25.52 -11.98
N ILE B 127 1.32 24.68 -11.75
CA ILE B 127 0.86 23.72 -12.80
C ILE B 127 0.43 24.45 -14.07
N PRO B 128 -0.39 25.52 -14.03
CA PRO B 128 -0.73 26.29 -15.22
C PRO B 128 0.52 26.75 -16.00
N VAL B 129 1.44 27.42 -15.32
CA VAL B 129 2.70 27.91 -15.97
C VAL B 129 3.38 26.74 -16.68
N ALA B 130 3.37 25.56 -16.08
CA ALA B 130 4.12 24.42 -16.66
C ALA B 130 3.41 23.84 -17.88
N VAL B 131 2.08 23.83 -17.87
CA VAL B 131 1.32 23.31 -19.04
C VAL B 131 1.54 24.26 -20.20
N LYS B 132 1.52 25.57 -19.93
CA LYS B 132 1.79 26.56 -20.99
C LYS B 132 3.23 26.36 -21.52
N ASP B 133 4.17 26.03 -20.63
CA ASP B 133 5.59 25.86 -21.04
C ASP B 133 5.73 24.59 -21.90
N THR B 134 4.91 23.58 -21.63
CA THR B 134 5.03 22.31 -22.38
C THR B 134 4.46 22.52 -23.77
N MET B 135 3.57 23.49 -23.90
CA MET B 135 2.92 23.73 -25.20
C MET B 135 3.91 24.53 -26.06
N GLN B 136 4.73 25.37 -25.44
CA GLN B 136 5.80 26.10 -26.16
C GLN B 136 7.08 25.25 -26.17
N GLN B 137 6.99 23.98 -25.78
CA GLN B 137 8.12 23.01 -25.80
C GLN B 137 9.31 23.49 -24.94
N ILE B 138 9.06 24.33 -23.95
CA ILE B 138 10.14 24.77 -23.02
C ILE B 138 10.49 23.61 -22.08
N VAL B 139 9.53 22.72 -21.80
CA VAL B 139 9.73 21.62 -20.82
C VAL B 139 9.18 20.32 -21.41
N PRO B 140 9.74 19.16 -21.04
CA PRO B 140 9.24 17.88 -21.56
C PRO B 140 7.79 17.63 -21.14
N THR B 141 6.98 17.12 -22.07
CA THR B 141 5.54 16.89 -21.79
C THR B 141 5.36 15.70 -20.83
N GLU B 142 6.23 14.70 -20.91
CA GLU B 142 6.15 13.51 -20.03
C GLU B 142 6.07 13.93 -18.55
N LEU B 143 6.94 14.86 -18.14
CA LEU B 143 6.97 15.27 -16.72
C LEU B 143 5.60 15.80 -16.32
N VAL B 144 5.04 16.70 -17.11
CA VAL B 144 3.74 17.35 -16.74
C VAL B 144 2.63 16.30 -16.72
N GLN B 145 2.72 15.30 -17.57
CA GLN B 145 1.70 14.24 -17.64
C GLN B 145 1.76 13.42 -16.35
N GLN B 146 2.96 13.24 -15.82
CA GLN B 146 3.13 12.48 -14.55
C GLN B 146 2.64 13.34 -13.37
N ILE B 147 2.89 14.64 -13.41
CA ILE B 147 2.40 15.56 -12.36
C ILE B 147 0.87 15.53 -12.33
N PHE B 148 0.23 15.65 -13.49
CA PHE B 148 -1.25 15.68 -13.57
C PHE B 148 -1.82 14.32 -13.17
N SER B 149 -1.10 13.25 -13.48
CA SER B 149 -1.54 11.90 -13.06
C SER B 149 -1.67 11.84 -11.53
N TYR B 150 -0.65 12.29 -10.80
CA TYR B 150 -0.73 12.32 -9.32
C TYR B 150 -1.88 13.22 -8.91
N LEU B 151 -2.01 14.38 -9.55
CA LEU B 151 -3.04 15.38 -9.19
C LEU B 151 -4.44 14.79 -9.35
N LEU B 152 -4.62 13.90 -10.30
CA LEU B 152 -5.96 13.36 -10.61
C LEU B 152 -6.42 12.43 -9.49
N ILE B 153 -5.50 11.74 -8.84
CA ILE B 153 -5.88 10.71 -7.82
C ILE B 153 -5.39 11.13 -6.42
N HIS B 154 -4.89 12.34 -6.28
CA HIS B 154 -4.24 12.76 -5.01
C HIS B 154 -5.25 12.99 -3.88
N PRO B 155 -5.07 12.33 -2.71
CA PRO B 155 -5.93 12.55 -1.54
C PRO B 155 -5.94 14.01 -1.04
N ALA B 156 -4.90 14.78 -1.34
CA ALA B 156 -4.78 16.17 -0.88
C ALA B 156 -5.49 17.12 -1.85
N ILE B 157 -5.86 16.62 -3.02
CA ILE B 157 -6.48 17.46 -4.08
C ILE B 157 -7.99 17.21 -4.11
N THR B 158 -8.76 18.29 -4.04
CA THR B 158 -10.24 18.21 -3.98
C THR B 158 -10.88 18.14 -5.36
N SER B 159 -12.17 17.81 -5.39
CA SER B 159 -12.93 17.81 -6.66
C SER B 159 -12.93 19.21 -7.26
N GLU B 160 -13.10 20.24 -6.42
CA GLU B 160 -13.03 21.63 -6.93
C GLU B 160 -11.68 21.82 -7.62
N ASP B 161 -10.59 21.57 -6.90
CA ASP B 161 -9.24 21.73 -7.49
C ASP B 161 -9.19 21.08 -8.86
N ARG B 162 -9.70 19.88 -8.98
CA ARG B 162 -9.67 19.14 -10.27
C ARG B 162 -10.41 19.91 -11.35
N ARG B 163 -11.61 20.41 -11.05
CA ARG B 163 -12.43 21.12 -12.06
C ARG B 163 -11.67 22.35 -12.53
N SER B 164 -11.03 23.05 -11.59
CA SER B 164 -10.25 24.27 -11.92
C SER B 164 -9.01 23.91 -12.75
N LEU B 165 -8.57 22.66 -12.70
CA LEU B 165 -7.36 22.23 -13.44
C LEU B 165 -7.77 21.55 -14.74
N ASN B 166 -9.05 21.37 -14.98
CA ASN B 166 -9.53 20.61 -16.17
C ASN B 166 -9.12 21.30 -17.48
N ILE B 167 -9.11 22.62 -17.51
CA ILE B 167 -8.76 23.38 -18.73
C ILE B 167 -7.35 23.00 -19.19
N TRP B 168 -6.44 22.74 -18.26
CA TRP B 168 -5.02 22.45 -18.60
C TRP B 168 -4.82 20.97 -18.91
N LEU B 169 -5.74 20.13 -18.46
CA LEU B 169 -5.61 18.66 -18.67
C LEU B 169 -5.94 18.36 -20.13
N ARG B 170 -6.98 18.99 -20.66
CA ARG B 170 -7.41 18.73 -22.07
C ARG B 170 -6.17 18.79 -22.96
N HIS B 171 -5.39 19.86 -22.84
CA HIS B 171 -4.18 20.02 -23.68
C HIS B 171 -3.22 18.84 -23.50
N LEU B 172 -3.17 18.25 -22.31
CA LEU B 172 -2.18 17.18 -22.02
C LEU B 172 -2.65 15.84 -22.60
N GLU B 173 -3.92 15.72 -22.93
CA GLU B 173 -4.46 14.43 -23.45
C GLU B 173 -4.43 14.44 -24.98
N ASP C 8 14.70 -15.12 3.32
CA ASP C 8 13.93 -13.98 3.88
C ASP C 8 12.56 -14.49 4.32
N GLU C 9 12.05 -13.91 5.40
CA GLU C 9 10.72 -14.31 5.92
C GLU C 9 9.65 -14.10 4.83
N LEU C 10 9.76 -13.03 4.06
CA LEU C 10 8.80 -12.83 2.93
C LEU C 10 8.92 -13.96 1.90
N GLN C 11 10.14 -14.40 1.60
CA GLN C 11 10.30 -15.54 0.66
C GLN C 11 9.66 -16.78 1.29
N GLN C 12 9.92 -17.01 2.56
CA GLN C 12 9.31 -18.16 3.27
C GLN C 12 7.80 -18.09 3.12
N ALA C 13 7.22 -16.90 3.20
CA ALA C 13 5.76 -16.72 3.14
C ALA C 13 5.21 -17.05 1.75
N MET C 14 5.95 -16.70 0.71
CA MET C 14 5.49 -16.94 -0.69
C MET C 14 5.54 -18.43 -0.97
N ARG C 15 6.46 -19.15 -0.35
CA ARG C 15 6.59 -20.61 -0.53
C ARG C 15 5.35 -21.29 0.06
N LEU C 16 5.01 -20.91 1.29
CA LEU C 16 3.81 -21.49 1.96
C LEU C 16 2.59 -21.14 1.11
N LEU C 17 2.55 -19.91 0.60
CA LEU C 17 1.37 -19.46 -0.18
C LEU C 17 1.40 -20.19 -1.50
N ASN C 18 2.60 -20.52 -1.96
CA ASN C 18 2.73 -21.31 -3.21
C ASN C 18 2.09 -22.66 -2.98
N ALA C 19 2.57 -23.36 -1.95
CA ALA C 19 2.05 -24.70 -1.64
C ALA C 19 0.55 -24.66 -1.44
N ALA C 20 0.04 -23.61 -0.80
CA ALA C 20 -1.39 -23.59 -0.46
C ALA C 20 -2.25 -23.37 -1.69
N SER C 21 -1.67 -22.98 -2.83
CA SER C 21 -2.47 -22.85 -4.06
C SER C 21 -2.42 -24.18 -4.81
N ASP D 8 -13.06 7.44 -12.44
CA ASP D 8 -12.90 8.24 -13.69
C ASP D 8 -11.54 8.95 -13.70
N GLU D 9 -11.15 9.66 -12.63
CA GLU D 9 -9.82 10.29 -12.70
C GLU D 9 -8.70 9.23 -12.74
N LEU D 10 -8.94 8.07 -12.15
CA LEU D 10 -7.92 6.99 -12.20
C LEU D 10 -7.62 6.62 -13.66
N GLN D 11 -8.65 6.34 -14.45
CA GLN D 11 -8.48 6.00 -15.88
C GLN D 11 -7.85 7.19 -16.61
N GLN D 12 -8.33 8.39 -16.33
CA GLN D 12 -7.70 9.59 -16.92
C GLN D 12 -6.19 9.51 -16.69
N ALA D 13 -5.76 9.21 -15.47
CA ALA D 13 -4.33 9.19 -15.17
C ALA D 13 -3.65 8.06 -15.93
N MET D 14 -4.30 6.90 -15.96
CA MET D 14 -3.71 5.71 -16.65
C MET D 14 -3.43 6.07 -18.10
N ARG D 15 -4.31 6.87 -18.71
CA ARG D 15 -4.12 7.28 -20.11
C ARG D 15 -2.90 8.19 -20.21
N LEU D 16 -2.82 9.23 -19.38
CA LEU D 16 -1.67 10.18 -19.43
C LEU D 16 -0.39 9.36 -19.26
N LEU D 17 -0.41 8.36 -18.40
CA LEU D 17 0.82 7.59 -18.14
C LEU D 17 1.10 6.71 -19.37
N ASN D 18 0.05 6.21 -20.02
CA ASN D 18 0.21 5.37 -21.24
C ASN D 18 0.57 6.27 -22.43
N ALA D 19 0.00 7.47 -22.50
CA ALA D 19 0.42 8.41 -23.58
C ALA D 19 1.94 8.53 -23.52
N ALA D 20 2.46 8.86 -22.36
CA ALA D 20 3.92 8.96 -22.18
C ALA D 20 4.55 7.61 -22.49
N SER D 21 3.75 6.55 -22.52
CA SER D 21 4.31 5.24 -22.93
C SER D 21 4.46 5.24 -24.46
C1 EDO E . 14.70 0.97 -2.49
O1 EDO E . 13.58 0.53 -1.77
C2 EDO E . 14.33 1.64 -3.75
O2 EDO E . 15.35 2.50 -4.22
H11 EDO E . 15.34 0.11 -2.72
H12 EDO E . 15.27 1.66 -1.87
HO1 EDO E . 12.85 0.37 -2.38
H21 EDO E . 13.43 2.22 -3.59
H22 EDO E . 14.12 0.89 -4.51
HO2 EDO E . 16.21 2.17 -3.89
C1 PEG F . -14.80 -6.82 -1.48
O1 PEG F . -14.29 -5.69 -2.16
C2 PEG F . -16.24 -7.05 -1.77
O2 PEG F . -16.84 -7.77 -0.70
C3 PEG F . -17.36 -6.91 0.31
C4 PEG F . -16.84 -7.35 1.64
O4 PEG F . -17.38 -6.61 2.70
H11 PEG F . -14.23 -7.70 -1.77
H12 PEG F . -14.68 -6.68 -0.41
HO1 PEG F . -14.80 -5.54 -2.96
H21 PEG F . -16.75 -6.09 -1.92
H22 PEG F . -16.33 -7.62 -2.70
H31 PEG F . -17.06 -5.88 0.12
H32 PEG F . -18.45 -6.96 0.31
H41 PEG F . -17.07 -8.40 1.77
H42 PEG F . -15.76 -7.24 1.64
HO4 PEG F . -16.75 -5.94 2.99
C1 EDO G . -9.41 -0.74 -19.30
O1 EDO G . -10.68 -0.32 -18.87
C2 EDO G . -8.31 0.00 -18.65
O2 EDO G . -8.07 -0.45 -17.33
H11 EDO G . -9.34 -0.59 -20.38
H12 EDO G . -9.29 -1.80 -19.10
HO1 EDO G . -10.59 0.14 -18.03
H21 EDO G . -8.56 1.06 -18.62
H22 EDO G . -7.40 -0.12 -19.25
HO2 EDO G . -8.84 -0.93 -17.02
#